data_2BZK
#
_entry.id   2BZK
#
_cell.length_a   97.889
_cell.length_b   97.889
_cell.length_c   80.493
_cell.angle_alpha   90.00
_cell.angle_beta   90.00
_cell.angle_gamma   120.00
#
_symmetry.space_group_name_H-M   'P 65'
#
loop_
_entity.id
_entity.type
_entity.pdbx_description
1 polymer PIMTIDE
2 polymer 'PROTO-ONCOGENE SERINE THREONINE PROTEIN KINASE PIM1'
3 non-polymer 'PHOSPHOAMINOPHOSPHONIC ACID-ADENYLATE ESTER'
4 water water
#
loop_
_entity_poly.entity_id
_entity_poly.type
_entity_poly.pdbx_seq_one_letter_code
_entity_poly.pdbx_strand_id
1 'polypeptide(L)' ARKRRRHPSGPPTA(NH2) A
2 'polypeptide(L)'
;MLLSKINSLAHLRAAPCNDLHATKLAPGKEKEPLESQYQVGPLLGSGGFGSVYSGIRVSDNLPVAIKHVEKDRISDWGEL
PNGTRVPMEVVLLKKVSSGFSGVIRLLDWFERPDSFVLILERPEPVQDLFDFITERGALQEELARSFFWQVLEAVRHCHN
CGVLHRDIKDENILIDLNRGELKLIDFGSGALLKDTVYTDFDGTRVYSPPEWIRYHRYHGRSAAVWSLGILLYDMVCGDI
PFEHDEEIIGGQVFFRQRVSSECQHLIRWCLALRPSDRPTFEEIQNHPWMQDVLLPQETAEIHLHSLSPGPSK
;
B
#
# COMPACT_ATOMS: atom_id res chain seq x y z
N LYS A 3 -11.44 0.88 -20.12
CA LYS A 3 -12.11 0.73 -18.78
C LYS A 3 -11.05 0.37 -17.75
N ARG A 4 -10.91 1.24 -16.76
CA ARG A 4 -10.03 1.04 -15.64
C ARG A 4 -10.91 0.74 -14.44
N ARG A 5 -10.56 -0.29 -13.68
CA ARG A 5 -11.35 -0.72 -12.55
C ARG A 5 -10.51 -1.09 -11.33
N ARG A 6 -11.13 -0.94 -10.16
CA ARG A 6 -10.62 -1.45 -8.91
C ARG A 6 -10.65 -2.97 -8.90
N HIS A 7 -9.81 -3.57 -8.06
CA HIS A 7 -9.72 -5.04 -7.93
C HIS A 7 -9.73 -5.45 -6.45
N PRO A 8 -10.85 -6.02 -5.99
CA PRO A 8 -10.96 -6.58 -4.65
C PRO A 8 -9.87 -7.57 -4.28
N SER A 9 -9.63 -7.71 -2.98
CA SER A 9 -8.87 -8.84 -2.43
C SER A 9 -9.64 -10.15 -2.52
N PRO B 33 -14.63 3.49 27.78
CA PRO B 33 -15.07 4.46 26.77
C PRO B 33 -15.15 3.86 25.34
N LEU B 34 -15.98 4.42 24.44
CA LEU B 34 -16.02 3.94 23.03
C LEU B 34 -16.83 4.82 22.03
N GLU B 35 -18.15 4.80 22.16
CA GLU B 35 -19.05 5.49 21.23
C GLU B 35 -19.09 7.02 21.42
N SER B 36 -18.65 7.52 22.58
CA SER B 36 -18.58 8.97 22.84
C SER B 36 -17.16 9.45 23.22
N GLN B 37 -16.12 8.71 22.83
CA GLN B 37 -14.80 9.31 22.82
C GLN B 37 -14.48 9.75 21.39
N TYR B 38 -15.34 9.31 20.45
CA TYR B 38 -15.29 9.74 19.06
C TYR B 38 -16.70 10.06 18.54
N GLN B 39 -16.92 11.31 18.15
CA GLN B 39 -18.11 11.66 17.37
C GLN B 39 -17.90 10.98 16.02
N VAL B 40 -18.87 10.20 15.55
CA VAL B 40 -18.72 9.40 14.33
C VAL B 40 -19.61 9.92 13.21
N GLY B 41 -19.11 9.85 11.97
CA GLY B 41 -19.81 10.40 10.82
C GLY B 41 -20.03 9.40 9.69
N PRO B 42 -19.84 9.86 8.43
CA PRO B 42 -20.24 9.12 7.22
C PRO B 42 -19.32 8.02 6.77
N LEU B 43 -19.87 7.06 6.04
CA LEU B 43 -19.10 5.99 5.46
C LEU B 43 -18.04 6.46 4.44
N LEU B 44 -16.87 5.84 4.47
CA LEU B 44 -15.84 6.09 3.48
C LEU B 44 -15.73 4.92 2.46
N GLY B 45 -15.75 3.66 2.91
CA GLY B 45 -15.87 2.50 1.97
C GLY B 45 -15.64 1.08 2.48
N SER B 51 -16.01 -1.46 6.00
CA SER B 51 -16.84 -0.54 6.78
C SER B 51 -15.97 0.39 7.60
N VAL B 52 -15.74 1.57 7.03
CA VAL B 52 -14.85 2.60 7.58
C VAL B 52 -15.57 3.93 7.61
N TYR B 53 -15.59 4.59 8.77
CA TYR B 53 -16.38 5.81 8.96
C TYR B 53 -15.48 6.99 9.29
N SER B 54 -15.90 8.18 8.89
CA SER B 54 -15.17 9.36 9.30
C SER B 54 -15.53 9.67 10.71
N GLY B 55 -14.53 9.98 11.53
CA GLY B 55 -14.77 10.30 12.93
C GLY B 55 -13.91 11.47 13.37
N ILE B 56 -14.26 12.07 14.50
CA ILE B 56 -13.41 13.08 15.11
C ILE B 56 -13.26 12.70 16.58
N ARG B 57 -12.04 12.73 17.08
CA ARG B 57 -11.81 12.32 18.46
C ARG B 57 -12.20 13.48 19.29
N VAL B 58 -13.21 13.30 20.12
CA VAL B 58 -13.90 14.42 20.73
C VAL B 58 -13.00 15.07 21.78
N SER B 59 -12.08 14.31 22.37
CA SER B 59 -11.15 14.86 23.37
C SER B 59 -10.26 15.99 22.81
N ASP B 60 -10.05 16.05 21.49
CA ASP B 60 -9.30 17.15 20.89
C ASP B 60 -9.60 17.47 19.40
N ASN B 61 -10.75 17.03 18.88
CA ASN B 61 -11.13 17.20 17.46
C ASN B 61 -10.12 16.71 16.42
N LEU B 62 -9.35 15.68 16.75
CA LEU B 62 -8.45 15.14 15.76
C LEU B 62 -9.30 14.39 14.75
N PRO B 63 -9.11 14.65 13.45
CA PRO B 63 -9.79 13.80 12.48
C PRO B 63 -9.28 12.36 12.53
N VAL B 64 -10.19 11.39 12.48
CA VAL B 64 -9.82 9.99 12.46
C VAL B 64 -10.70 9.18 11.53
N ALA B 65 -10.28 7.95 11.27
CA ALA B 65 -11.07 6.99 10.52
C ALA B 65 -11.34 5.79 11.42
N ILE B 66 -12.58 5.34 11.43
CA ILE B 66 -13.03 4.33 12.36
C ILE B 66 -13.38 3.07 11.55
N LYS B 67 -12.56 2.05 11.67
CA LYS B 67 -12.69 0.89 10.82
C LYS B 67 -13.27 -0.23 11.63
N HIS B 68 -14.29 -0.89 11.12
CA HIS B 68 -14.87 -2.02 11.80
C HIS B 68 -14.58 -3.25 10.99
N VAL B 69 -14.24 -4.30 11.71
CA VAL B 69 -13.90 -5.61 11.14
C VAL B 69 -14.67 -6.69 11.88
N GLU B 70 -15.44 -7.48 11.14
CA GLU B 70 -16.29 -8.54 11.67
C GLU B 70 -15.39 -9.74 12.05
N LYS B 71 -15.56 -10.29 13.27
CA LYS B 71 -14.75 -11.43 13.72
C LYS B 71 -14.84 -12.64 12.78
N ASP B 72 -16.03 -12.89 12.24
CA ASP B 72 -16.25 -13.98 11.28
C ASP B 72 -15.36 -13.90 10.04
N ARG B 73 -15.07 -12.69 9.57
CA ARG B 73 -14.34 -12.48 8.31
C ARG B 73 -12.82 -12.37 8.52
N ILE B 74 -12.33 -12.75 9.69
CA ILE B 74 -10.89 -12.75 9.96
C ILE B 74 -10.38 -14.18 9.92
N SER B 75 -9.30 -14.42 9.18
CA SER B 75 -8.67 -15.75 9.19
C SER B 75 -7.30 -15.77 9.90
N ASP B 76 -6.66 -14.61 10.02
CA ASP B 76 -5.34 -14.49 10.65
C ASP B 76 -5.36 -13.71 11.96
N TRP B 77 -4.83 -14.33 13.00
CA TRP B 77 -4.75 -13.73 14.33
C TRP B 77 -3.32 -13.76 14.86
N GLY B 78 -3.01 -12.83 15.76
CA GLY B 78 -1.71 -12.79 16.43
C GLY B 78 -1.87 -12.43 17.89
N GLU B 79 -0.74 -12.22 18.55
CA GLU B 79 -0.72 -11.77 19.94
C GLU B 79 0.14 -10.50 20.00
N LEU B 80 -0.33 -9.52 20.78
CA LEU B 80 0.40 -8.26 20.98
C LEU B 80 1.57 -8.55 21.91
N PRO B 81 2.48 -7.57 22.06
CA PRO B 81 3.45 -7.69 23.16
C PRO B 81 2.87 -8.30 24.47
N ASN B 82 1.70 -7.84 24.94
CA ASN B 82 1.11 -8.32 26.22
C ASN B 82 0.49 -9.73 26.19
N GLY B 83 0.59 -10.44 25.07
CA GLY B 83 0.11 -11.81 24.97
C GLY B 83 -1.26 -11.98 24.32
N THR B 84 -2.14 -10.97 24.44
CA THR B 84 -3.57 -11.10 24.08
C THR B 84 -3.81 -11.16 22.58
N ARG B 85 -4.88 -11.85 22.18
CA ARG B 85 -5.04 -12.38 20.81
C ARG B 85 -5.94 -11.52 19.94
N VAL B 86 -5.32 -10.79 19.02
CA VAL B 86 -6.04 -9.86 18.19
C VAL B 86 -5.93 -10.26 16.74
N PRO B 87 -6.66 -9.60 15.86
CA PRO B 87 -6.46 -9.88 14.45
C PRO B 87 -5.08 -9.45 14.00
N MET B 88 -4.47 -10.24 13.13
CA MET B 88 -3.18 -9.91 12.57
C MET B 88 -3.05 -8.43 12.22
N GLU B 89 -4.12 -7.86 11.65
CA GLU B 89 -4.09 -6.46 11.20
C GLU B 89 -3.63 -5.51 12.30
N VAL B 90 -4.12 -5.77 13.51
CA VAL B 90 -3.85 -4.95 14.67
C VAL B 90 -2.40 -5.12 15.06
N VAL B 91 -1.96 -6.38 15.13
CA VAL B 91 -0.57 -6.68 15.45
C VAL B 91 0.42 -5.96 14.55
N LEU B 92 0.17 -6.03 13.26
CA LEU B 92 1.05 -5.42 12.28
C LEU B 92 1.02 -3.89 12.34
N LEU B 93 -0.16 -3.31 12.57
CA LEU B 93 -0.28 -1.85 12.67
C LEU B 93 0.41 -1.35 13.93
N LYS B 94 0.29 -2.08 15.03
CA LYS B 94 1.06 -1.69 16.24
C LYS B 94 2.53 -1.63 15.88
N LYS B 95 3.04 -2.65 15.17
CA LYS B 95 4.49 -2.76 14.93
C LYS B 95 5.02 -1.62 14.08
N VAL B 96 4.20 -1.10 13.17
CA VAL B 96 4.64 -0.03 12.28
C VAL B 96 4.20 1.36 12.70
N SER B 97 3.33 1.45 13.70
CA SER B 97 2.75 2.75 14.08
C SER B 97 3.69 3.54 14.98
N SER B 98 4.88 3.02 15.23
CA SER B 98 5.88 3.75 16.00
C SER B 98 6.61 4.77 15.17
N GLY B 99 6.77 5.96 15.76
CA GLY B 99 7.43 7.07 15.10
C GLY B 99 6.56 7.61 13.96
N PHE B 100 7.14 8.54 13.22
CA PHE B 100 6.50 9.06 12.04
C PHE B 100 6.91 8.21 10.84
N SER B 101 6.00 8.06 9.88
CA SER B 101 6.36 7.42 8.62
C SER B 101 5.28 7.65 7.55
N GLY B 102 5.49 7.02 6.39
CA GLY B 102 4.49 6.99 5.33
C GLY B 102 3.45 5.91 5.51
N VAL B 103 3.10 5.56 6.74
CA VAL B 103 2.06 4.58 6.97
C VAL B 103 1.01 5.16 7.87
N ILE B 104 -0.26 4.81 7.62
CA ILE B 104 -1.34 5.32 8.44
C ILE B 104 -1.30 4.58 9.77
N ARG B 105 -1.25 5.37 10.84
CA ARG B 105 -1.06 4.86 12.19
C ARG B 105 -2.35 4.52 12.93
N LEU B 106 -2.26 3.43 13.69
CA LEU B 106 -3.31 3.01 14.59
C LEU B 106 -3.21 3.81 15.84
N LEU B 107 -4.25 4.54 16.21
CA LEU B 107 -4.23 5.37 17.42
C LEU B 107 -4.81 4.64 18.59
N ASP B 108 -5.76 3.76 18.32
CA ASP B 108 -6.44 3.01 19.37
C ASP B 108 -7.21 1.88 18.70
N TRP B 109 -7.69 0.94 19.49
CA TRP B 109 -8.61 -0.08 19.02
C TRP B 109 -9.44 -0.63 20.16
N PHE B 110 -10.55 -1.27 19.83
CA PHE B 110 -11.48 -1.81 20.84
C PHE B 110 -12.00 -3.14 20.37
N GLU B 111 -12.22 -4.08 21.28
CA GLU B 111 -12.97 -5.29 20.97
C GLU B 111 -14.45 -5.10 21.30
N ARG B 112 -15.29 -5.66 20.44
CA ARG B 112 -16.73 -5.79 20.69
C ARG B 112 -17.06 -7.26 20.60
N PRO B 113 -18.27 -7.65 21.07
CA PRO B 113 -18.67 -9.06 20.99
C PRO B 113 -18.39 -9.70 19.62
N ASP B 114 -18.79 -9.05 18.53
CA ASP B 114 -18.67 -9.63 17.19
C ASP B 114 -17.72 -8.91 16.24
N SER B 115 -17.08 -7.84 16.72
CA SER B 115 -16.15 -7.09 15.87
C SER B 115 -14.99 -6.50 16.65
N PHE B 116 -13.98 -6.06 15.91
CA PHE B 116 -12.96 -5.14 16.41
C PHE B 116 -13.18 -3.80 15.71
N VAL B 117 -12.74 -2.73 16.36
CA VAL B 117 -12.85 -1.39 15.83
C VAL B 117 -11.47 -0.72 15.93
N LEU B 118 -10.97 -0.18 14.83
CA LEU B 118 -9.64 0.42 14.78
C LEU B 118 -9.80 1.88 14.55
N ILE B 119 -9.10 2.70 15.33
CA ILE B 119 -9.10 4.14 15.16
C ILE B 119 -7.82 4.50 14.47
N LEU B 120 -7.93 5.12 13.29
CA LEU B 120 -6.77 5.46 12.48
C LEU B 120 -6.66 6.95 12.23
N GLU B 121 -5.42 7.40 12.00
CA GLU B 121 -5.13 8.74 11.47
C GLU B 121 -6.02 8.97 10.27
N ARG B 122 -6.61 10.16 10.16
CA ARG B 122 -7.24 10.57 8.90
C ARG B 122 -6.71 11.92 8.51
N PRO B 123 -5.89 11.96 7.45
CA PRO B 123 -5.47 13.23 6.91
C PRO B 123 -6.59 13.83 6.07
N GLU B 124 -6.51 15.14 5.92
CA GLU B 124 -7.62 15.86 5.39
C GLU B 124 -7.02 17.16 4.83
N PRO B 125 -7.21 17.46 3.53
CA PRO B 125 -7.93 16.70 2.51
C PRO B 125 -7.10 15.55 2.00
N VAL B 126 -7.80 14.53 1.54
CA VAL B 126 -7.19 13.28 1.14
C VAL B 126 -7.88 12.73 -0.11
N GLN B 127 -7.13 11.99 -0.91
CA GLN B 127 -7.69 11.22 -2.01
C GLN B 127 -6.77 10.07 -2.19
N ASP B 128 -7.32 8.92 -2.56
CA ASP B 128 -6.47 7.78 -2.73
C ASP B 128 -5.93 7.79 -4.14
N LEU B 129 -4.82 7.08 -4.31
CA LEU B 129 -4.06 7.14 -5.51
C LEU B 129 -4.80 6.52 -6.69
N PHE B 130 -5.70 5.57 -6.44
CA PHE B 130 -6.48 4.98 -7.53
C PHE B 130 -7.42 6.04 -8.16
N ASP B 131 -8.11 6.82 -7.33
CA ASP B 131 -8.95 7.92 -7.83
C ASP B 131 -8.15 9.05 -8.42
N PHE B 132 -6.96 9.29 -7.87
CA PHE B 132 -6.15 10.38 -8.35
C PHE B 132 -5.73 10.11 -9.80
N ILE B 133 -5.30 8.86 -10.04
CA ILE B 133 -4.87 8.42 -11.38
C ILE B 133 -6.03 8.34 -12.33
N THR B 134 -7.17 7.89 -11.85
CA THR B 134 -8.37 7.88 -12.68
C THR B 134 -8.70 9.26 -13.22
N GLU B 135 -8.60 10.27 -12.37
CA GLU B 135 -8.90 11.65 -12.78
C GLU B 135 -7.80 12.36 -13.58
N ARG B 136 -6.54 12.20 -13.16
CA ARG B 136 -5.41 12.87 -13.83
C ARG B 136 -4.83 12.14 -15.01
N GLY B 137 -5.11 10.85 -15.14
CA GLY B 137 -4.47 10.03 -16.17
C GLY B 137 -3.06 9.64 -15.77
N ALA B 138 -2.29 9.16 -16.76
CA ALA B 138 -0.88 8.84 -16.62
C ALA B 138 -0.12 10.01 -16.02
N LEU B 139 0.60 9.79 -14.93
CA LEU B 139 1.27 10.88 -14.24
C LEU B 139 2.55 11.29 -14.91
N GLN B 140 2.86 12.57 -14.88
CA GLN B 140 4.19 13.03 -15.26
C GLN B 140 5.28 12.29 -14.45
N GLU B 141 6.41 12.03 -15.09
CA GLU B 141 7.45 11.25 -14.47
C GLU B 141 7.97 11.86 -13.17
N GLU B 142 8.09 13.17 -13.12
CA GLU B 142 8.55 13.83 -11.92
C GLU B 142 7.64 13.53 -10.70
N LEU B 143 6.35 13.47 -10.98
CA LEU B 143 5.36 13.19 -9.95
C LEU B 143 5.35 11.73 -9.59
N ALA B 144 5.37 10.88 -10.60
CA ALA B 144 5.44 9.44 -10.38
C ALA B 144 6.68 9.08 -9.57
N ARG B 145 7.79 9.81 -9.78
CA ARG B 145 9.04 9.53 -9.08
C ARG B 145 8.92 9.90 -7.59
N SER B 146 8.29 11.02 -7.32
CA SER B 146 8.11 11.43 -5.94
C SER B 146 7.17 10.47 -5.17
N PHE B 147 6.02 10.12 -5.76
CA PHE B 147 5.11 9.14 -5.18
C PHE B 147 5.78 7.78 -4.97
N PHE B 148 6.40 7.28 -6.03
CA PHE B 148 6.96 5.96 -5.97
C PHE B 148 8.08 5.87 -4.93
N TRP B 149 8.89 6.91 -4.83
CA TRP B 149 9.92 6.96 -3.80
C TRP B 149 9.28 6.92 -2.43
N GLN B 150 8.24 7.72 -2.22
CA GLN B 150 7.62 7.72 -0.91
C GLN B 150 7.03 6.38 -0.56
N VAL B 151 6.46 5.68 -1.56
CA VAL B 151 5.93 4.35 -1.31
C VAL B 151 7.09 3.42 -0.99
N LEU B 152 8.20 3.55 -1.69
CA LEU B 152 9.37 2.74 -1.30
C LEU B 152 9.85 2.99 0.12
N GLU B 153 9.87 4.23 0.56
CA GLU B 153 10.23 4.51 1.95
C GLU B 153 9.23 3.89 2.92
N ALA B 154 7.95 3.89 2.57
CA ALA B 154 6.95 3.35 3.49
C ALA B 154 7.09 1.82 3.61
N VAL B 155 7.31 1.19 2.47
CA VAL B 155 7.44 -0.27 2.45
C VAL B 155 8.73 -0.72 3.13
N ARG B 156 9.81 0.03 2.93
CA ARG B 156 11.04 -0.21 3.70
C ARG B 156 10.79 -0.09 5.21
N HIS B 157 10.05 0.93 5.61
CA HIS B 157 9.67 1.11 7.01
C HIS B 157 8.98 -0.13 7.53
N CYS B 158 8.02 -0.65 6.77
CA CYS B 158 7.30 -1.87 7.17
C CYS B 158 8.26 -3.01 7.40
N HIS B 159 9.08 -3.29 6.39
CA HIS B 159 10.01 -4.41 6.44
C HIS B 159 10.98 -4.31 7.62
N ASN B 160 11.41 -3.11 7.92
CA ASN B 160 12.22 -2.85 9.10
C ASN B 160 11.53 -3.18 10.41
N CYS B 161 10.20 -3.05 10.46
CA CYS B 161 9.43 -3.46 11.62
C CYS B 161 9.00 -4.93 11.59
N GLY B 162 9.45 -5.69 10.59
CA GLY B 162 9.13 -7.11 10.50
C GLY B 162 7.75 -7.36 9.93
N VAL B 163 7.26 -6.41 9.13
CA VAL B 163 5.92 -6.47 8.58
C VAL B 163 5.95 -6.50 7.05
N LEU B 164 5.22 -7.45 6.47
CA LEU B 164 5.03 -7.53 5.03
C LEU B 164 3.60 -7.13 4.70
N HIS B 165 3.40 -6.11 3.87
CA HIS B 165 2.04 -5.65 3.56
C HIS B 165 1.23 -6.64 2.68
N ARG B 166 1.82 -7.11 1.58
CA ARG B 166 1.20 -8.08 0.66
C ARG B 166 0.00 -7.56 -0.15
N ASP B 167 -0.29 -6.27 -0.05
CA ASP B 167 -1.34 -5.71 -0.88
C ASP B 167 -1.02 -4.29 -1.33
N ILE B 168 0.23 -4.07 -1.72
CA ILE B 168 0.61 -2.76 -2.19
C ILE B 168 -0.09 -2.52 -3.52
N LYS B 169 -0.82 -1.43 -3.60
CA LYS B 169 -1.48 -1.06 -4.85
C LYS B 169 -2.05 0.32 -4.68
N ASP B 170 -2.47 0.94 -5.79
CA ASP B 170 -2.89 2.34 -5.74
C ASP B 170 -4.09 2.58 -4.83
N GLU B 171 -4.96 1.59 -4.67
CA GLU B 171 -6.11 1.72 -3.79
C GLU B 171 -5.70 1.69 -2.34
N ASN B 172 -4.53 1.14 -2.02
CA ASN B 172 -4.08 1.14 -0.62
C ASN B 172 -3.10 2.26 -0.31
N ILE B 173 -3.20 3.35 -1.07
CA ILE B 173 -2.34 4.47 -0.87
C ILE B 173 -3.14 5.76 -0.86
N LEU B 174 -2.96 6.55 0.19
CA LEU B 174 -3.63 7.81 0.31
C LEU B 174 -2.67 8.94 0.10
N ILE B 175 -3.16 9.97 -0.60
CA ILE B 175 -2.42 11.20 -0.79
C ILE B 175 -3.02 12.31 0.09
N ASP B 176 -2.20 12.79 1.03
CA ASP B 176 -2.46 14.04 1.74
C ASP B 176 -2.10 15.16 0.79
N LEU B 177 -3.13 15.86 0.30
CA LEU B 177 -2.97 16.78 -0.79
C LEU B 177 -2.24 18.07 -0.43
N ASN B 178 -2.31 18.51 0.82
CA ASN B 178 -1.66 19.77 1.21
C ASN B 178 -0.16 19.58 1.48
N ARG B 179 0.19 18.46 2.08
CA ARG B 179 1.58 18.17 2.46
C ARG B 179 2.35 17.40 1.40
N GLY B 180 1.62 16.83 0.46
CA GLY B 180 2.24 16.06 -0.61
C GLY B 180 2.84 14.73 -0.14
N GLU B 181 2.25 14.18 0.93
CA GLU B 181 2.69 12.96 1.58
C GLU B 181 1.78 11.78 1.29
N LEU B 182 2.36 10.64 0.93
CA LEU B 182 1.63 9.38 0.71
C LEU B 182 1.63 8.52 1.97
N LYS B 183 0.53 7.82 2.22
CA LYS B 183 0.40 6.95 3.38
C LYS B 183 -0.16 5.58 2.93
N LEU B 184 0.45 4.50 3.41
CA LEU B 184 -0.04 3.16 3.14
C LEU B 184 -1.17 2.80 4.05
N ILE B 185 -2.22 2.20 3.51
CA ILE B 185 -3.30 1.69 4.36
C ILE B 185 -3.57 0.21 4.12
N ASP B 186 -4.47 -0.35 4.93
CA ASP B 186 -5.03 -1.70 4.78
C ASP B 186 -3.99 -2.79 4.92
N PHE B 187 -3.66 -3.09 6.16
CA PHE B 187 -2.75 -4.18 6.47
C PHE B 187 -3.49 -5.52 6.63
N GLY B 188 -4.71 -5.60 6.12
CA GLY B 188 -5.58 -6.75 6.34
C GLY B 188 -5.17 -8.05 5.69
N SER B 189 -4.29 -8.00 4.71
CA SER B 189 -3.72 -9.20 4.07
C SER B 189 -2.28 -9.40 4.48
N GLY B 190 -1.78 -8.58 5.41
CA GLY B 190 -0.37 -8.59 5.72
C GLY B 190 0.09 -9.81 6.47
N ALA B 191 1.40 -9.93 6.67
CA ALA B 191 1.97 -11.00 7.49
C ALA B 191 3.22 -10.50 8.16
N LEU B 192 3.65 -11.21 9.17
CA LEU B 192 4.97 -10.99 9.71
C LEU B 192 5.95 -11.27 8.57
N LEU B 193 6.96 -10.42 8.43
CA LEU B 193 8.02 -10.69 7.47
C LEU B 193 8.81 -11.92 7.90
N LYS B 194 9.03 -12.83 6.96
CA LYS B 194 9.96 -13.94 7.14
C LYS B 194 10.75 -14.14 5.86
N ASP B 195 11.83 -14.91 5.98
CA ASP B 195 12.75 -15.20 4.90
C ASP B 195 12.44 -16.54 4.20
N THR B 196 11.59 -17.37 4.83
CA THR B 196 11.12 -18.63 4.23
C THR B 196 9.88 -18.38 3.35
N VAL B 197 9.45 -19.43 2.66
CA VAL B 197 8.44 -19.29 1.62
C VAL B 197 7.03 -19.06 2.19
N TYR B 198 6.24 -18.27 1.48
CA TYR B 198 4.83 -18.08 1.82
C TYR B 198 4.00 -18.94 0.89
N THR B 199 3.10 -19.75 1.44
CA THR B 199 2.16 -20.50 0.60
C THR B 199 0.73 -19.98 0.70
N ASP B 200 0.50 -18.86 1.37
CA ASP B 200 -0.84 -18.27 1.48
C ASP B 200 -0.77 -16.86 0.92
N PHE B 201 -1.85 -16.43 0.29
CA PHE B 201 -1.94 -15.09 -0.23
C PHE B 201 -3.36 -14.65 -0.34
N ASP B 202 -3.64 -13.44 0.11
CA ASP B 202 -4.98 -12.92 0.10
C ASP B 202 -5.09 -11.49 -0.47
N GLY B 203 -4.01 -10.99 -1.07
CA GLY B 203 -4.07 -9.70 -1.71
C GLY B 203 -4.74 -9.72 -3.07
N THR B 204 -4.41 -8.75 -3.90
CA THR B 204 -5.02 -8.54 -5.18
C THR B 204 -4.24 -9.29 -6.26
N ARG B 205 -4.95 -10.14 -6.97
CA ARG B 205 -4.34 -11.08 -7.89
C ARG B 205 -3.56 -10.38 -8.96
N VAL B 206 -4.11 -9.31 -9.52
CA VAL B 206 -3.47 -8.60 -10.62
C VAL B 206 -2.19 -7.85 -10.21
N TYR B 207 -1.93 -7.74 -8.91
CA TYR B 207 -0.66 -7.24 -8.38
C TYR B 207 0.22 -8.37 -7.83
N SER B 208 -0.25 -9.62 -7.94
CA SER B 208 0.47 -10.80 -7.45
C SER B 208 1.45 -11.32 -8.50
N PRO B 209 2.52 -11.97 -8.05
CA PRO B 209 3.55 -12.32 -8.98
C PRO B 209 3.36 -13.68 -9.63
N PRO B 210 4.04 -13.89 -10.74
CA PRO B 210 3.90 -15.10 -11.50
C PRO B 210 4.23 -16.37 -10.72
N GLU B 211 5.20 -16.32 -9.82
CA GLU B 211 5.47 -17.51 -8.97
C GLU B 211 4.26 -17.85 -8.09
N TRP B 212 3.44 -16.89 -7.74
CA TRP B 212 2.21 -17.17 -7.02
C TRP B 212 1.17 -17.77 -7.95
N ILE B 213 1.06 -17.20 -9.14
CA ILE B 213 0.05 -17.69 -10.09
C ILE B 213 0.27 -19.15 -10.47
N ARG B 214 1.53 -19.51 -10.73
CA ARG B 214 1.86 -20.84 -11.27
C ARG B 214 2.15 -21.86 -10.22
N TYR B 215 2.63 -21.44 -9.04
CA TYR B 215 3.07 -22.39 -8.02
C TYR B 215 2.53 -22.17 -6.63
N HIS B 216 1.74 -21.14 -6.42
CA HIS B 216 1.20 -20.87 -5.09
C HIS B 216 2.32 -20.78 -4.03
N ARG B 217 3.44 -20.18 -4.42
CA ARG B 217 4.55 -19.89 -3.52
C ARG B 217 5.30 -18.62 -3.92
N TYR B 218 5.83 -17.92 -2.91
CA TYR B 218 6.62 -16.72 -3.14
C TYR B 218 7.47 -16.39 -1.91
N HIS B 219 8.38 -15.45 -2.08
CA HIS B 219 9.13 -14.91 -0.96
C HIS B 219 8.73 -13.45 -0.90
N GLY B 220 8.81 -12.87 0.31
CA GLY B 220 8.16 -11.60 0.60
C GLY B 220 8.67 -10.39 -0.17
N ARG B 221 9.97 -10.19 -0.13
CA ARG B 221 10.59 -9.02 -0.70
C ARG B 221 10.46 -9.03 -2.18
N SER B 222 10.70 -10.21 -2.76
CA SER B 222 10.71 -10.34 -4.19
C SER B 222 9.28 -10.14 -4.71
N ALA B 223 8.29 -10.65 -3.98
CA ALA B 223 6.88 -10.39 -4.36
C ALA B 223 6.56 -8.93 -4.20
N ALA B 224 7.11 -8.30 -3.17
CA ALA B 224 6.77 -6.90 -2.91
C ALA B 224 7.29 -6.04 -4.05
N VAL B 225 8.49 -6.35 -4.50
CA VAL B 225 9.09 -5.64 -5.63
C VAL B 225 8.25 -5.82 -6.89
N TRP B 226 7.74 -7.03 -7.14
CA TRP B 226 6.87 -7.24 -8.30
C TRP B 226 5.70 -6.29 -8.26
N SER B 227 5.00 -6.26 -7.14
CA SER B 227 3.83 -5.38 -7.03
C SER B 227 4.19 -3.89 -7.12
N LEU B 228 5.41 -3.56 -6.72
CA LEU B 228 5.92 -2.19 -6.89
C LEU B 228 6.18 -1.86 -8.37
N GLY B 229 6.63 -2.84 -9.14
CA GLY B 229 6.66 -2.69 -10.60
C GLY B 229 5.26 -2.46 -11.22
N ILE B 230 4.28 -3.23 -10.76
CA ILE B 230 2.92 -3.04 -11.24
C ILE B 230 2.46 -1.62 -10.96
N LEU B 231 2.68 -1.19 -9.72
CA LEU B 231 2.24 0.12 -9.26
C LEU B 231 2.92 1.22 -10.04
N LEU B 232 4.20 1.05 -10.34
CA LEU B 232 4.90 2.08 -11.09
C LEU B 232 4.34 2.23 -12.51
N TYR B 233 4.00 1.10 -13.14
CA TYR B 233 3.45 1.10 -14.50
C TYR B 233 2.13 1.83 -14.43
N ASP B 234 1.32 1.47 -13.44
CA ASP B 234 0.04 2.13 -13.16
C ASP B 234 0.20 3.66 -13.12
N MET B 235 1.21 4.13 -12.43
CA MET B 235 1.47 5.56 -12.35
C MET B 235 1.85 6.16 -13.69
N VAL B 236 2.81 5.59 -14.39
CA VAL B 236 3.27 6.23 -15.63
C VAL B 236 2.37 5.95 -16.82
N CYS B 237 1.54 4.92 -16.76
CA CYS B 237 0.70 4.58 -17.90
C CYS B 237 -0.76 4.88 -17.67
N GLY B 238 -1.16 5.01 -16.41
CA GLY B 238 -2.52 5.39 -16.10
C GLY B 238 -3.39 4.17 -15.83
N ASP B 239 -2.83 2.96 -15.95
CA ASP B 239 -3.52 1.72 -15.59
C ASP B 239 -2.50 0.59 -15.44
N ILE B 240 -2.91 -0.50 -14.76
CA ILE B 240 -2.07 -1.67 -14.59
C ILE B 240 -1.85 -2.40 -15.91
N PRO B 241 -0.69 -3.10 -16.02
CA PRO B 241 -0.30 -3.77 -17.24
C PRO B 241 -1.07 -5.05 -17.58
N PHE B 242 -1.45 -5.80 -16.54
CA PHE B 242 -1.92 -7.16 -16.70
C PHE B 242 -3.24 -7.29 -16.01
N GLU B 243 -4.18 -7.96 -16.66
CA GLU B 243 -5.49 -8.26 -16.09
C GLU B 243 -5.72 -9.77 -15.90
N HIS B 244 -5.05 -10.58 -16.71
CA HIS B 244 -5.32 -11.99 -16.78
C HIS B 244 -4.08 -12.75 -16.42
N ASP B 245 -4.30 -13.93 -15.88
CA ASP B 245 -3.21 -14.80 -15.46
C ASP B 245 -2.15 -15.02 -16.55
N GLU B 246 -2.60 -15.24 -17.77
CA GLU B 246 -1.70 -15.49 -18.89
C GLU B 246 -0.79 -14.28 -19.13
N GLU B 247 -1.31 -13.07 -18.98
CA GLU B 247 -0.49 -11.87 -19.15
C GLU B 247 0.58 -11.76 -18.06
N ILE B 248 0.19 -12.11 -16.84
CA ILE B 248 1.07 -12.05 -15.68
C ILE B 248 2.28 -12.96 -15.86
N ILE B 249 2.05 -14.20 -16.27
CA ILE B 249 3.14 -15.17 -16.45
C ILE B 249 3.90 -15.02 -17.78
N GLY B 250 3.34 -14.28 -18.74
CA GLY B 250 4.02 -14.03 -20.00
C GLY B 250 5.15 -13.01 -19.85
N GLY B 251 5.10 -12.21 -18.78
CA GLY B 251 5.93 -11.00 -18.58
C GLY B 251 6.32 -10.26 -19.87
N GLN B 252 5.31 -9.77 -20.57
CA GLN B 252 5.50 -8.93 -21.74
C GLN B 252 4.88 -7.63 -21.35
N VAL B 253 5.71 -6.60 -21.24
CA VAL B 253 5.28 -5.33 -20.75
C VAL B 253 5.20 -4.44 -21.96
N PHE B 254 3.99 -4.17 -22.42
CA PHE B 254 3.78 -3.22 -23.50
C PHE B 254 3.49 -1.88 -22.86
N PHE B 255 4.18 -0.83 -23.30
CA PHE B 255 3.96 0.51 -22.78
C PHE B 255 2.99 1.25 -23.64
N ARG B 256 1.90 1.70 -23.01
CA ARG B 256 0.77 2.32 -23.72
C ARG B 256 0.87 3.86 -23.83
N GLN B 257 1.65 4.49 -22.96
CA GLN B 257 1.99 5.90 -22.99
C GLN B 257 3.50 6.06 -23.24
N ARG B 258 3.92 7.24 -23.69
CA ARG B 258 5.33 7.59 -23.77
C ARG B 258 5.90 7.55 -22.36
N VAL B 259 6.97 6.76 -22.18
CA VAL B 259 7.68 6.57 -20.92
C VAL B 259 9.17 6.54 -21.26
N SER B 260 10.01 7.23 -20.48
CA SER B 260 11.44 7.29 -20.77
C SER B 260 12.03 5.89 -20.71
N SER B 261 13.12 5.68 -21.45
CA SER B 261 13.85 4.41 -21.39
C SER B 261 14.27 4.04 -19.97
N GLU B 262 14.73 5.01 -19.20
CA GLU B 262 15.23 4.74 -17.85
C GLU B 262 14.11 4.14 -16.98
N CYS B 263 12.94 4.77 -17.02
CA CYS B 263 11.77 4.29 -16.32
C CYS B 263 11.23 2.93 -16.83
N GLN B 264 11.18 2.74 -18.14
CA GLN B 264 10.80 1.44 -18.71
C GLN B 264 11.73 0.33 -18.19
N HIS B 265 13.01 0.63 -18.09
CA HIS B 265 13.99 -0.33 -17.61
C HIS B 265 13.71 -0.67 -16.15
N LEU B 266 13.48 0.32 -15.31
CA LEU B 266 13.23 0.03 -13.90
C LEU B 266 12.02 -0.86 -13.75
N ILE B 267 10.98 -0.57 -14.53
CA ILE B 267 9.75 -1.32 -14.47
C ILE B 267 9.95 -2.73 -14.97
N ARG B 268 10.62 -2.90 -16.09
CA ARG B 268 10.90 -4.26 -16.60
C ARG B 268 11.74 -5.07 -15.61
N TRP B 269 12.66 -4.40 -14.92
CA TRP B 269 13.50 -5.04 -13.93
C TRP B 269 12.65 -5.56 -12.75
N CYS B 270 11.77 -4.71 -12.22
CA CYS B 270 10.85 -5.11 -11.16
C CYS B 270 9.94 -6.25 -11.59
N LEU B 271 9.58 -6.24 -12.87
CA LEU B 271 8.68 -7.27 -13.40
C LEU B 271 9.42 -8.46 -14.05
N ALA B 272 10.67 -8.69 -13.67
CA ALA B 272 11.34 -9.90 -14.12
C ALA B 272 10.53 -11.14 -13.67
N LEU B 273 10.37 -12.09 -14.58
CA LEU B 273 9.71 -13.36 -14.27
C LEU B 273 10.40 -14.11 -13.13
N ARG B 274 11.71 -14.23 -13.18
CA ARG B 274 12.42 -14.95 -12.13
C ARG B 274 12.57 -14.01 -10.93
N PRO B 275 12.08 -14.44 -9.76
CA PRO B 275 12.22 -13.61 -8.53
C PRO B 275 13.65 -13.13 -8.23
N SER B 276 14.64 -13.99 -8.40
CA SER B 276 16.01 -13.68 -8.06
C SER B 276 16.62 -12.66 -9.02
N ASP B 277 15.99 -12.47 -10.17
CA ASP B 277 16.37 -11.42 -11.15
C ASP B 277 15.76 -10.05 -10.83
N ARG B 278 14.87 -10.01 -9.86
CA ARG B 278 14.31 -8.72 -9.50
C ARG B 278 15.33 -7.96 -8.66
N PRO B 279 15.26 -6.62 -8.71
CA PRO B 279 16.13 -5.77 -7.93
C PRO B 279 15.75 -5.73 -6.48
N THR B 280 16.75 -5.57 -5.62
CA THR B 280 16.49 -5.30 -4.21
C THR B 280 15.94 -3.88 -4.06
N PHE B 281 15.42 -3.58 -2.89
CA PHE B 281 14.98 -2.21 -2.59
C PHE B 281 16.09 -1.20 -2.76
N GLU B 282 17.30 -1.56 -2.35
CA GLU B 282 18.46 -0.73 -2.56
C GLU B 282 18.75 -0.43 -4.05
N GLU B 283 18.69 -1.45 -4.89
CA GLU B 283 18.93 -1.22 -6.31
C GLU B 283 17.84 -0.39 -6.96
N ILE B 284 16.63 -0.49 -6.49
CA ILE B 284 15.58 0.37 -7.00
C ILE B 284 15.88 1.82 -6.64
N GLN B 285 16.24 2.09 -5.40
CA GLN B 285 16.42 3.47 -5.00
C GLN B 285 17.72 4.05 -5.51
N ASN B 286 18.65 3.21 -5.95
CA ASN B 286 19.85 3.69 -6.64
C ASN B 286 19.72 3.70 -8.15
N HIS B 287 18.56 3.31 -8.67
CA HIS B 287 18.37 3.35 -10.09
C HIS B 287 18.48 4.79 -10.58
N PRO B 288 19.09 5.02 -11.76
CA PRO B 288 19.20 6.36 -12.39
C PRO B 288 17.89 7.11 -12.54
N TRP B 289 16.80 6.39 -12.78
CA TRP B 289 15.50 7.03 -12.87
C TRP B 289 15.04 7.56 -11.51
N MET B 290 15.61 7.07 -10.41
CA MET B 290 15.13 7.46 -9.09
C MET B 290 15.85 8.66 -8.48
N GLN B 291 16.81 9.22 -9.19
CA GLN B 291 17.63 10.32 -8.64
C GLN B 291 16.94 11.69 -8.71
N ASP B 292 17.37 12.60 -7.82
CA ASP B 292 16.84 13.95 -7.73
C ASP B 292 15.32 14.00 -7.45
N VAL B 293 14.87 13.22 -6.49
CA VAL B 293 13.47 13.21 -6.13
C VAL B 293 13.00 14.55 -5.53
N LEU B 294 11.77 14.95 -5.84
CA LEU B 294 11.17 16.11 -5.16
C LEU B 294 10.89 15.80 -3.70
N LEU B 295 11.02 16.82 -2.86
CA LEU B 295 10.49 16.74 -1.50
C LEU B 295 8.94 16.73 -1.53
N PRO B 296 8.32 16.19 -0.48
CA PRO B 296 6.86 16.20 -0.40
C PRO B 296 6.19 17.57 -0.60
N GLN B 297 6.71 18.61 0.06
CA GLN B 297 6.13 19.93 -0.07
C GLN B 297 6.31 20.52 -1.48
N GLU B 298 7.47 20.32 -2.09
CA GLU B 298 7.68 20.68 -3.50
C GLU B 298 6.63 19.96 -4.40
N THR B 299 6.44 18.66 -4.15
CA THR B 299 5.50 17.87 -4.91
C THR B 299 4.08 18.44 -4.80
N ALA B 300 3.68 18.85 -3.59
CA ALA B 300 2.35 19.44 -3.41
C ALA B 300 2.24 20.74 -4.17
N GLU B 301 3.21 21.64 -3.96
CA GLU B 301 3.20 22.96 -4.59
C GLU B 301 3.14 22.88 -6.13
N ILE B 302 4.02 22.07 -6.72
CA ILE B 302 4.11 21.95 -8.18
C ILE B 302 2.97 21.19 -8.80
N HIS B 303 2.54 20.08 -8.19
CA HIS B 303 1.62 19.16 -8.82
C HIS B 303 0.27 19.01 -8.14
N LEU B 304 0.13 19.40 -6.88
CA LEU B 304 -1.12 19.16 -6.18
C LEU B 304 -1.88 20.42 -5.83
N HIS B 305 -1.22 21.54 -5.50
CA HIS B 305 -1.94 22.80 -5.19
C HIS B 305 -2.40 23.44 -6.49
#